data_4A0U
#
_entry.id   4A0U
#
_cell.length_a   68.320
_cell.length_b   145.560
_cell.length_c   172.050
_cell.angle_alpha   90.00
_cell.angle_beta   90.00
_cell.angle_gamma   90.00
#
_symmetry.space_group_name_H-M   'C 2 2 21'
#
loop_
_entity.id
_entity.type
_entity.pdbx_description
1 polymer 'TAIL FIBER PROTEIN'
2 non-polymer 'CARBONATE ION'
3 water water
#
_entity_poly.entity_id   1
_entity_poly.type   'polypeptide(L)'
_entity_poly.pdbx_seq_one_letter_code
;MHHHHHHSSGLVPRGSGMKETAAAKFERQHMDSPDLGTDDDDKAMGHVLQLESASDKAHYILSKDGNRNNWYIGRGSDNN
NDCTFHSYVHGTTLTLKQDYAVVNKHFHVGQAVVATDGNIQGTKWGGKWLDAYLRDSFVAKSKAWTQVWSGSAGGGVSVT
VSQDLRFRNIWIKCANNSWNFFRTGPDGIYFIASDGGWLRFQIHSNGLGFKNIADSRSVPNAIMVENE
;
_entity_poly.pdbx_strand_id   A,B,C
#
loop_
_chem_comp.id
_chem_comp.type
_chem_comp.name
_chem_comp.formula
CO3 non-polymer 'CARBONATE ION' 'C O3 -2'
#
# COMPACT_ATOMS: atom_id res chain seq x y z
N GLY A 46 45.76 -6.54 -16.82
CA GLY A 46 44.34 -6.47 -17.34
C GLY A 46 44.13 -7.46 -18.48
N HIS A 47 43.08 -8.29 -18.44
CA HIS A 47 42.86 -9.37 -19.43
C HIS A 47 41.41 -9.59 -19.81
N VAL A 48 41.22 -10.00 -21.07
CA VAL A 48 39.93 -10.35 -21.63
C VAL A 48 40.04 -11.74 -22.30
N LEU A 49 39.15 -12.66 -21.95
CA LEU A 49 38.95 -13.88 -22.73
C LEU A 49 37.92 -13.55 -23.84
N GLN A 50 38.39 -13.57 -25.09
CA GLN A 50 37.61 -13.18 -26.26
C GLN A 50 36.91 -14.36 -26.90
N LEU A 51 35.59 -14.24 -27.02
CA LEU A 51 34.81 -15.19 -27.79
C LEU A 51 34.40 -14.47 -29.08
N GLU A 52 34.62 -15.13 -30.19
CA GLU A 52 34.31 -14.54 -31.50
C GLU A 52 33.48 -15.47 -32.35
N SER A 53 32.42 -14.88 -32.93
CA SER A 53 31.55 -15.57 -33.87
C SER A 53 31.34 -14.68 -35.11
N ALA A 54 30.75 -15.26 -36.14
CA ALA A 54 30.28 -14.47 -37.29
C ALA A 54 29.16 -13.50 -36.86
N SER A 55 28.98 -12.45 -37.65
CA SER A 55 27.89 -11.51 -37.44
C SER A 55 26.57 -12.23 -37.19
N ASP A 56 25.81 -11.79 -36.19
CA ASP A 56 24.45 -12.29 -35.95
C ASP A 56 24.33 -13.79 -35.58
N LYS A 57 25.44 -14.45 -35.28
CA LYS A 57 25.42 -15.88 -34.88
C LYS A 57 25.55 -16.01 -33.36
N ALA A 58 24.91 -17.05 -32.80
CA ALA A 58 24.95 -17.34 -31.36
C ALA A 58 26.39 -17.50 -30.88
N HIS A 59 26.63 -17.11 -29.63
CA HIS A 59 27.88 -17.49 -28.96
C HIS A 59 27.66 -17.52 -27.45
N TYR A 60 27.84 -18.69 -26.88
CA TYR A 60 27.59 -18.84 -25.45
C TYR A 60 28.54 -19.85 -24.86
N ILE A 61 28.58 -19.86 -23.53
CA ILE A 61 29.35 -20.83 -22.79
C ILE A 61 28.37 -21.86 -22.26
N LEU A 62 28.61 -23.13 -22.59
CA LEU A 62 27.69 -24.16 -22.15
C LEU A 62 28.44 -25.14 -21.24
N SER A 63 27.86 -25.46 -20.08
CA SER A 63 28.39 -26.51 -19.21
C SER A 63 27.53 -27.76 -19.29
N LYS A 64 28.20 -28.89 -19.48
CA LYS A 64 27.56 -30.19 -19.53
C LYS A 64 28.15 -31.06 -18.40
N ASP A 65 27.28 -31.68 -17.59
CA ASP A 65 27.76 -32.64 -16.60
C ASP A 65 27.36 -34.02 -17.05
N GLY A 66 28.34 -34.91 -17.28
CA GLY A 66 28.04 -36.23 -17.81
C GLY A 66 27.49 -36.03 -19.22
N ASN A 67 26.26 -36.50 -19.44
CA ASN A 67 25.61 -36.40 -20.76
C ASN A 67 24.64 -35.22 -20.84
N ARG A 68 24.53 -34.51 -19.71
CA ARG A 68 23.43 -33.56 -19.46
C ARG A 68 23.87 -32.09 -19.61
N ASN A 69 23.22 -31.37 -20.53
CA ASN A 69 23.39 -29.92 -20.57
C ASN A 69 22.92 -29.34 -19.25
N ASN A 70 23.78 -28.55 -18.60
CA ASN A 70 23.50 -28.18 -17.24
C ASN A 70 23.19 -26.68 -17.09
N TRP A 71 24.06 -25.80 -17.62
CA TRP A 71 23.79 -24.37 -17.64
C TRP A 71 24.48 -23.76 -18.85
N TYR A 72 24.02 -22.58 -19.23
CA TYR A 72 24.77 -21.81 -20.19
C TYR A 72 24.67 -20.31 -19.89
N ILE A 73 25.65 -19.57 -20.39
CA ILE A 73 25.56 -18.12 -20.35
C ILE A 73 25.97 -17.53 -21.70
N GLY A 74 25.21 -16.54 -22.14
CA GLY A 74 25.60 -15.75 -23.29
C GLY A 74 24.47 -15.63 -24.28
N ARG A 75 24.81 -15.58 -25.55
CA ARG A 75 23.86 -15.23 -26.61
C ARG A 75 23.45 -16.56 -27.22
N GLY A 76 22.32 -17.10 -26.73
CA GLY A 76 21.95 -18.49 -27.00
C GLY A 76 21.41 -18.79 -28.39
N SER A 77 20.94 -17.77 -29.11
CA SER A 77 20.35 -17.95 -30.46
C SER A 77 20.96 -17.03 -31.53
N ASP A 78 20.94 -17.50 -32.79
CA ASP A 78 21.27 -16.65 -33.96
C ASP A 78 20.24 -15.53 -34.14
N ASN A 79 20.65 -14.42 -34.78
CA ASN A 79 19.75 -13.31 -35.10
C ASN A 79 18.92 -12.89 -33.90
N ASN A 80 19.58 -12.88 -32.75
CA ASN A 80 18.91 -12.54 -31.52
C ASN A 80 20.00 -12.12 -30.53
N ASN A 81 19.86 -10.91 -29.99
CA ASN A 81 20.88 -10.38 -29.10
C ASN A 81 20.56 -10.50 -27.61
N ASP A 82 19.45 -11.15 -27.29
CA ASP A 82 19.19 -11.53 -25.89
C ASP A 82 20.34 -12.35 -25.35
N CYS A 83 20.73 -12.03 -24.12
CA CYS A 83 21.80 -12.71 -23.43
C CYS A 83 21.16 -13.35 -22.21
N THR A 84 21.51 -14.61 -21.96
CA THR A 84 20.77 -15.42 -21.02
C THR A 84 21.76 -16.12 -20.08
N PHE A 85 21.39 -16.22 -18.81
CA PHE A 85 22.07 -17.10 -17.89
C PHE A 85 21.02 -18.11 -17.49
N HIS A 86 21.23 -19.37 -17.86
CA HIS A 86 20.12 -20.36 -17.81
C HIS A 86 20.58 -21.64 -17.13
N SER A 87 19.82 -22.09 -16.13
CA SER A 87 19.95 -23.47 -15.66
C SER A 87 19.01 -24.41 -16.45
N TYR A 88 19.59 -25.33 -17.23
CA TYR A 88 18.79 -26.35 -17.91
C TYR A 88 18.14 -27.27 -16.88
N VAL A 89 18.89 -27.66 -15.86
CA VAL A 89 18.33 -28.60 -14.86
C VAL A 89 17.15 -28.02 -14.06
N HIS A 90 17.32 -26.80 -13.55
CA HIS A 90 16.31 -26.16 -12.75
C HIS A 90 15.20 -25.55 -13.65
N GLY A 91 15.57 -25.23 -14.88
CA GLY A 91 14.69 -24.50 -15.80
C GLY A 91 14.50 -23.08 -15.28
N THR A 92 15.54 -22.52 -14.67
CA THR A 92 15.47 -21.21 -14.06
C THR A 92 16.42 -20.29 -14.83
N THR A 93 15.97 -19.08 -15.16
CA THR A 93 16.60 -18.29 -16.21
C THR A 93 16.59 -16.79 -15.91
N LEU A 94 17.73 -16.12 -16.15
CA LEU A 94 17.80 -14.67 -16.24
C LEU A 94 18.09 -14.29 -17.69
N THR A 95 17.34 -13.33 -18.25
CA THR A 95 17.59 -12.89 -19.62
C THR A 95 17.70 -11.37 -19.66
N LEU A 96 18.73 -10.87 -20.34
CA LEU A 96 18.85 -9.44 -20.64
C LEU A 96 18.23 -9.23 -22.01
N LYS A 97 17.17 -8.44 -22.04
CA LYS A 97 16.43 -8.19 -23.27
C LYS A 97 16.57 -6.73 -23.64
N GLN A 98 15.94 -6.34 -24.75
CA GLN A 98 16.11 -4.99 -25.23
C GLN A 98 15.66 -3.93 -24.22
N ASP A 99 14.44 -4.08 -23.70
CA ASP A 99 13.92 -2.99 -22.84
C ASP A 99 13.74 -3.41 -21.41
N TYR A 100 14.19 -4.60 -21.04
CA TYR A 100 14.08 -5.04 -19.65
C TYR A 100 14.94 -6.27 -19.39
N ALA A 101 15.17 -6.59 -18.12
CA ALA A 101 15.76 -7.85 -17.72
C ALA A 101 14.65 -8.69 -17.07
N VAL A 102 14.77 -10.02 -17.14
CA VAL A 102 13.67 -10.89 -16.69
C VAL A 102 14.21 -12.19 -16.05
N VAL A 103 13.59 -12.59 -14.94
CA VAL A 103 13.73 -13.95 -14.43
C VAL A 103 12.39 -14.67 -14.63
N ASN A 104 12.44 -15.96 -14.90
CA ASN A 104 11.22 -16.67 -15.27
C ASN A 104 10.49 -17.25 -14.07
N LYS A 105 11.02 -17.01 -12.86
CA LYS A 105 10.43 -17.53 -11.63
C LYS A 105 10.40 -16.47 -10.56
N HIS A 106 9.75 -16.77 -9.42
CA HIS A 106 9.81 -15.88 -8.25
C HIS A 106 11.26 -15.45 -7.96
N PHE A 107 11.40 -14.24 -7.47
CA PHE A 107 12.70 -13.63 -7.31
C PHE A 107 12.87 -13.22 -5.88
N HIS A 108 13.91 -13.75 -5.22
CA HIS A 108 14.15 -13.41 -3.82
C HIS A 108 15.23 -12.37 -3.71
N VAL A 109 15.05 -11.50 -2.71
CA VAL A 109 16.00 -10.43 -2.40
C VAL A 109 16.32 -10.69 -0.94
N GLY A 110 17.50 -11.25 -0.67
CA GLY A 110 17.78 -11.88 0.63
C GLY A 110 16.74 -12.98 0.80
N GLN A 111 15.91 -12.85 1.84
CA GLN A 111 14.76 -13.76 2.09
C GLN A 111 13.42 -13.17 1.62
N ALA A 112 13.39 -11.85 1.35
CA ALA A 112 12.19 -11.24 0.73
C ALA A 112 11.88 -11.90 -0.61
N VAL A 113 10.57 -11.91 -0.97
CA VAL A 113 10.14 -12.53 -2.22
C VAL A 113 9.32 -11.55 -3.06
N VAL A 114 9.71 -11.38 -4.32
CA VAL A 114 8.85 -10.75 -5.33
C VAL A 114 8.34 -11.92 -6.18
N ALA A 115 7.02 -12.14 -6.13
CA ALA A 115 6.38 -13.28 -6.77
C ALA A 115 6.02 -12.93 -8.20
N THR A 116 5.84 -13.95 -9.02
CA THR A 116 5.44 -13.80 -10.41
C THR A 116 4.05 -13.19 -10.61
N ASP A 117 3.27 -13.09 -9.52
CA ASP A 117 2.00 -12.36 -9.55
C ASP A 117 2.10 -10.89 -9.11
N GLY A 118 3.32 -10.43 -8.81
CA GLY A 118 3.52 -9.05 -8.39
C GLY A 118 3.42 -8.85 -6.89
N ASN A 119 3.04 -9.91 -6.16
CA ASN A 119 3.00 -9.82 -4.68
C ASN A 119 4.41 -9.81 -4.11
N ILE A 120 4.55 -9.27 -2.89
CA ILE A 120 5.85 -9.15 -2.24
C ILE A 120 5.70 -9.65 -0.82
N GLN A 121 6.68 -10.43 -0.35
CA GLN A 121 6.67 -10.88 1.02
C GLN A 121 7.97 -10.48 1.68
N GLY A 122 7.88 -10.05 2.93
CA GLY A 122 9.09 -9.68 3.65
C GLY A 122 8.82 -9.29 5.08
N THR A 123 9.89 -9.13 5.85
CA THR A 123 9.76 -8.78 7.27
C THR A 123 9.18 -7.38 7.47
N LYS A 124 9.38 -6.48 6.50
CA LYS A 124 8.81 -5.15 6.61
C LYS A 124 7.28 -5.22 6.66
N TRP A 125 6.71 -6.23 5.99
CA TRP A 125 5.26 -6.41 5.97
C TRP A 125 4.81 -7.39 7.09
N GLY A 126 5.62 -7.45 8.15
CA GLY A 126 5.38 -8.35 9.26
C GLY A 126 5.48 -9.81 8.88
N GLY A 127 6.26 -10.13 7.85
CA GLY A 127 6.26 -11.51 7.32
C GLY A 127 5.05 -11.87 6.48
N LYS A 128 4.13 -10.94 6.27
CA LYS A 128 2.96 -11.25 5.43
C LYS A 128 3.31 -10.97 3.99
N TRP A 129 2.45 -11.45 3.09
CA TRP A 129 2.38 -10.95 1.73
C TRP A 129 1.80 -9.52 1.77
N LEU A 130 2.37 -8.65 0.95
CA LEU A 130 1.93 -7.27 0.86
C LEU A 130 0.39 -7.14 0.76
N ASP A 131 -0.26 -7.95 -0.08
CA ASP A 131 -1.70 -7.78 -0.28
C ASP A 131 -2.46 -7.94 1.06
N ALA A 132 -1.99 -8.87 1.90
CA ALA A 132 -2.63 -9.08 3.20
C ALA A 132 -2.22 -8.00 4.19
N TYR A 133 -0.94 -7.60 4.16
CA TYR A 133 -0.52 -6.46 4.99
C TYR A 133 -1.40 -5.21 4.69
N LEU A 134 -1.66 -4.94 3.41
CA LEU A 134 -2.47 -3.76 3.01
C LEU A 134 -3.90 -3.86 3.51
N ARG A 135 -4.51 -5.03 3.27
CA ARG A 135 -5.87 -5.31 3.72
C ARG A 135 -6.05 -5.10 5.24
N ASP A 136 -5.06 -5.56 5.99
CA ASP A 136 -5.06 -5.48 7.45
C ASP A 136 -4.73 -4.07 8.00
N SER A 137 -3.94 -3.31 7.25
CA SER A 137 -3.39 -2.07 7.78
C SER A 137 -4.21 -0.82 7.42
N PHE A 138 -4.93 -0.86 6.30
CA PHE A 138 -5.60 0.32 5.78
C PHE A 138 -7.10 0.13 5.59
N VAL A 139 -7.83 1.22 5.77
CA VAL A 139 -9.28 1.21 5.64
C VAL A 139 -9.66 0.99 4.18
N ALA A 140 -10.56 0.03 3.96
CA ALA A 140 -11.01 -0.35 2.64
C ALA A 140 -11.91 0.73 2.09
N LYS A 141 -11.69 1.09 0.83
CA LYS A 141 -12.60 1.99 0.12
C LYS A 141 -13.67 1.12 -0.60
N SER A 142 -14.59 0.56 0.20
CA SER A 142 -15.52 -0.46 -0.30
C SER A 142 -16.76 0.16 -0.96
N LYS A 143 -17.13 1.35 -0.50
CA LYS A 143 -18.36 2.02 -0.91
C LYS A 143 -19.54 1.06 -0.95
N ALA A 144 -19.70 0.30 0.12
CA ALA A 144 -20.81 -0.65 0.22
C ALA A 144 -21.11 -0.86 1.70
N TRP A 145 -22.35 -1.23 2.01
CA TRP A 145 -22.74 -1.45 3.38
C TRP A 145 -23.59 -2.73 3.51
N THR A 146 -23.74 -3.21 4.75
CA THR A 146 -24.39 -4.48 5.02
C THR A 146 -25.25 -4.31 6.27
N GLN A 147 -26.46 -4.87 6.25
CA GLN A 147 -27.28 -4.83 7.47
C GLN A 147 -26.76 -5.82 8.51
N VAL A 148 -26.51 -5.35 9.73
CA VAL A 148 -26.02 -6.22 10.79
C VAL A 148 -27.09 -6.67 11.79
N TRP A 149 -28.24 -6.00 11.75
CA TRP A 149 -29.39 -6.29 12.61
C TRP A 149 -30.54 -5.43 12.13
N SER A 150 -31.76 -5.98 12.20
CA SER A 150 -32.97 -5.19 12.18
C SER A 150 -33.99 -5.85 13.10
N GLY A 151 -35.00 -5.07 13.48
CA GLY A 151 -36.03 -5.48 14.42
C GLY A 151 -36.54 -4.24 15.12
N SER A 152 -36.58 -4.28 16.45
CA SER A 152 -36.89 -3.08 17.24
C SER A 152 -36.22 -3.20 18.60
N ALA A 153 -35.51 -2.16 19.01
CA ALA A 153 -34.82 -2.23 20.28
C ALA A 153 -35.17 -0.98 21.08
N GLY A 154 -36.19 -1.14 21.93
CA GLY A 154 -36.67 -0.10 22.83
C GLY A 154 -35.71 0.12 23.99
N GLY A 155 -36.01 1.11 24.83
CA GLY A 155 -35.14 1.45 25.95
C GLY A 155 -34.84 0.24 26.80
N GLY A 156 -33.57 0.08 27.16
CA GLY A 156 -33.08 -1.04 27.95
C GLY A 156 -32.86 -2.32 27.16
N VAL A 157 -33.24 -2.36 25.87
CA VAL A 157 -33.14 -3.59 25.08
C VAL A 157 -31.78 -3.75 24.40
N SER A 158 -31.15 -4.90 24.62
CA SER A 158 -29.90 -5.22 23.97
C SER A 158 -30.12 -6.26 22.89
N VAL A 159 -29.40 -6.13 21.77
CA VAL A 159 -29.51 -7.07 20.65
C VAL A 159 -28.14 -7.58 20.24
N THR A 160 -28.13 -8.69 19.52
CA THR A 160 -26.91 -9.20 18.93
C THR A 160 -26.81 -8.71 17.50
N VAL A 161 -25.63 -8.24 17.12
CA VAL A 161 -25.39 -7.80 15.74
C VAL A 161 -24.39 -8.76 15.11
N SER A 162 -24.34 -8.81 13.77
CA SER A 162 -23.66 -9.89 13.10
C SER A 162 -22.16 -9.68 12.86
N GLN A 163 -21.64 -8.52 13.25
CA GLN A 163 -20.21 -8.21 13.08
C GLN A 163 -19.74 -7.45 14.31
N ASP A 164 -18.43 -7.44 14.52
CA ASP A 164 -17.79 -6.63 15.56
C ASP A 164 -17.92 -5.14 15.13
N LEU A 165 -18.81 -4.41 15.80
CA LEU A 165 -19.10 -3.01 15.45
C LEU A 165 -18.13 -1.96 16.03
N ARG A 166 -17.04 -2.40 16.63
CA ARG A 166 -16.06 -1.47 17.19
C ARG A 166 -15.21 -0.86 16.08
N PHE A 167 -15.04 0.46 16.16
CA PHE A 167 -14.33 1.21 15.12
C PHE A 167 -14.84 0.87 13.73
N ARG A 168 -16.15 1.03 13.58
CA ARG A 168 -16.84 0.85 12.33
C ARG A 168 -17.67 2.08 11.98
N ASN A 169 -17.91 2.28 10.69
CA ASN A 169 -18.92 3.26 10.23
C ASN A 169 -20.27 2.56 10.19
N ILE A 170 -21.21 3.06 10.98
CA ILE A 170 -22.55 2.49 11.04
C ILE A 170 -23.58 3.55 10.76
N TRP A 171 -24.76 3.10 10.35
CA TRP A 171 -25.90 3.97 10.20
C TRP A 171 -27.05 3.27 10.92
N ILE A 172 -27.75 4.05 11.76
CA ILE A 172 -28.84 3.52 12.57
C ILE A 172 -30.13 4.15 12.09
N LYS A 173 -31.13 3.32 11.75
CA LYS A 173 -32.44 3.84 11.40
C LYS A 173 -33.34 3.82 12.63
N CYS A 174 -33.95 4.96 12.92
CA CYS A 174 -34.87 5.10 14.05
C CYS A 174 -36.17 5.65 13.46
N ALA A 175 -36.56 6.87 13.81
CA ALA A 175 -37.82 7.37 13.30
C ALA A 175 -37.69 7.96 11.89
N ASN A 176 -38.82 8.03 11.18
CA ASN A 176 -38.95 8.80 9.93
C ASN A 176 -38.12 8.25 8.78
N ASN A 177 -37.82 6.95 8.87
CA ASN A 177 -37.27 6.18 7.76
C ASN A 177 -35.97 6.79 7.17
N SER A 178 -35.15 7.34 8.07
CA SER A 178 -33.89 7.97 7.73
C SER A 178 -32.69 7.24 8.38
N TRP A 179 -31.51 7.41 7.78
CA TRP A 179 -30.29 6.85 8.33
C TRP A 179 -29.50 7.90 9.13
N ASN A 180 -29.09 7.53 10.36
CA ASN A 180 -28.30 8.37 11.23
C ASN A 180 -26.89 7.79 11.30
N PHE A 181 -25.91 8.55 10.80
CA PHE A 181 -24.53 8.11 10.80
C PHE A 181 -23.87 8.16 12.20
N PHE A 182 -23.03 7.16 12.48
CA PHE A 182 -22.16 7.20 13.65
C PHE A 182 -20.94 6.39 13.35
N ARG A 183 -19.78 6.83 13.83
CA ARG A 183 -18.62 5.96 13.84
C ARG A 183 -18.33 5.61 15.28
N THR A 184 -18.29 4.32 15.56
CA THR A 184 -18.03 3.84 16.91
C THR A 184 -16.52 3.78 17.22
N GLY A 185 -16.19 3.76 18.51
CA GLY A 185 -14.84 3.47 18.98
C GLY A 185 -14.93 2.03 19.54
N PRO A 186 -14.37 1.79 20.75
CA PRO A 186 -14.43 0.44 21.34
C PRO A 186 -15.79 0.18 22.02
N ASP A 187 -15.90 -0.92 22.77
CA ASP A 187 -17.12 -1.12 23.57
C ASP A 187 -17.28 0.14 24.41
N GLY A 188 -18.50 0.59 24.60
CA GLY A 188 -18.66 1.85 25.32
C GLY A 188 -20.02 2.43 25.12
N ILE A 189 -20.20 3.63 25.68
CA ILE A 189 -21.49 4.31 25.70
C ILE A 189 -21.39 5.52 24.74
N TYR A 190 -22.36 5.59 23.83
CA TYR A 190 -22.37 6.58 22.76
C TYR A 190 -23.72 7.27 22.71
N PHE A 191 -23.74 8.46 22.11
CA PHE A 191 -24.97 9.23 22.01
C PHE A 191 -25.11 9.75 20.59
N ILE A 192 -26.33 9.64 20.04
CA ILE A 192 -26.65 10.27 18.73
C ILE A 192 -28.00 10.99 18.79
N ALA A 193 -28.03 12.25 18.36
CA ALA A 193 -29.32 12.95 18.21
C ALA A 193 -30.06 12.48 16.92
N SER A 194 -30.47 11.21 16.96
CA SER A 194 -31.08 10.53 15.84
C SER A 194 -32.53 11.01 15.57
N ASP A 195 -32.91 10.93 14.30
CA ASP A 195 -34.21 11.34 13.84
C ASP A 195 -35.30 10.80 14.79
N GLY A 196 -36.17 11.71 15.24
CA GLY A 196 -37.17 11.42 16.23
C GLY A 196 -36.85 12.11 17.56
N GLY A 197 -35.57 12.21 17.92
CA GLY A 197 -35.20 12.85 19.18
C GLY A 197 -33.75 12.55 19.46
N TRP A 198 -33.52 11.45 20.18
CA TRP A 198 -32.16 11.01 20.43
C TRP A 198 -32.12 9.58 20.92
N LEU A 199 -30.92 9.02 20.84
CA LEU A 199 -30.63 7.67 21.26
C LEU A 199 -29.28 7.63 21.98
N ARG A 200 -29.30 7.12 23.21
CA ARG A 200 -28.05 6.80 23.89
C ARG A 200 -27.87 5.28 23.82
N PHE A 201 -26.79 4.83 23.22
CA PHE A 201 -26.66 3.41 22.96
C PHE A 201 -25.33 2.91 23.48
N GLN A 202 -25.24 1.59 23.64
CA GLN A 202 -24.02 0.97 24.10
C GLN A 202 -23.55 -0.11 23.14
N ILE A 203 -22.26 -0.08 22.85
CA ILE A 203 -21.63 -1.18 22.13
C ILE A 203 -21.00 -2.02 23.20
N HIS A 204 -21.29 -3.32 23.21
CA HIS A 204 -20.72 -4.21 24.24
C HIS A 204 -20.40 -5.58 23.67
N SER A 205 -19.91 -6.46 24.54
CA SER A 205 -19.58 -7.85 24.15
C SER A 205 -18.63 -7.90 22.96
N ASN A 206 -17.55 -7.10 23.03
CA ASN A 206 -16.54 -7.08 21.97
C ASN A 206 -17.16 -6.77 20.63
N GLY A 207 -18.03 -5.76 20.67
CA GLY A 207 -18.62 -5.20 19.47
C GLY A 207 -19.82 -5.95 18.93
N LEU A 208 -20.22 -7.04 19.62
CA LEU A 208 -21.27 -7.96 19.10
C LEU A 208 -22.62 -7.70 19.76
N GLY A 209 -22.64 -6.79 20.73
CA GLY A 209 -23.88 -6.39 21.39
C GLY A 209 -24.14 -4.90 21.13
N PHE A 210 -25.40 -4.60 20.85
CA PHE A 210 -25.86 -3.23 20.66
C PHE A 210 -27.05 -3.05 21.57
N LYS A 211 -26.97 -2.07 22.45
CA LYS A 211 -28.05 -1.85 23.41
C LYS A 211 -28.56 -0.44 23.36
N ASN A 212 -29.88 -0.30 23.33
CA ASN A 212 -30.52 1.01 23.52
C ASN A 212 -30.55 1.26 25.03
N ILE A 213 -29.71 2.18 25.51
CA ILE A 213 -29.70 2.53 26.94
C ILE A 213 -30.96 3.34 27.22
N ALA A 214 -31.16 4.42 26.44
CA ALA A 214 -32.37 5.24 26.54
C ALA A 214 -32.53 5.95 25.20
N ASP A 215 -33.77 6.26 24.84
CA ASP A 215 -34.01 7.09 23.69
C ASP A 215 -35.16 8.04 23.98
N SER A 216 -35.23 9.13 23.23
CA SER A 216 -36.44 9.92 23.19
C SER A 216 -37.03 9.85 21.79
N ARG A 217 -38.13 9.10 21.68
CA ARG A 217 -38.90 9.02 20.42
C ARG A 217 -38.02 8.61 19.23
N SER A 218 -37.07 7.73 19.49
CA SER A 218 -36.08 7.39 18.48
C SER A 218 -35.58 5.97 18.75
N VAL A 219 -36.43 5.00 18.37
CA VAL A 219 -36.17 3.58 18.60
C VAL A 219 -35.46 2.97 17.39
N PRO A 220 -34.28 2.41 17.62
CA PRO A 220 -33.58 1.82 16.49
C PRO A 220 -34.32 0.60 15.96
N ASN A 221 -34.41 0.51 14.64
CA ASN A 221 -35.04 -0.64 13.99
C ASN A 221 -34.15 -1.31 12.93
N ALA A 222 -33.00 -0.70 12.64
CA ALA A 222 -32.03 -1.30 11.69
C ALA A 222 -30.67 -0.62 11.81
N ILE A 223 -29.63 -1.41 11.59
CA ILE A 223 -28.25 -0.93 11.63
C ILE A 223 -27.48 -1.46 10.39
N MET A 224 -26.91 -0.53 9.60
CA MET A 224 -25.98 -0.91 8.55
C MET A 224 -24.57 -0.67 9.02
N VAL A 225 -23.64 -1.42 8.46
CA VAL A 225 -22.22 -1.15 8.69
C VAL A 225 -21.52 -1.06 7.33
N GLU A 226 -20.50 -0.19 7.23
CA GLU A 226 -19.75 -0.09 6.00
C GLU A 226 -18.85 -1.32 5.84
N ASN A 227 -18.83 -1.89 4.64
CA ASN A 227 -18.05 -3.11 4.40
C ASN A 227 -16.56 -2.84 4.59
N GLU A 228 -15.88 -3.80 5.23
CA GLU A 228 -14.42 -3.82 5.32
C GLU A 228 -13.77 -4.68 4.23
N LYS B 43 37.49 -41.25 -9.32
CA LYS B 43 38.52 -40.24 -9.76
C LYS B 43 37.95 -38.86 -10.19
N ALA B 44 36.62 -38.75 -10.34
CA ALA B 44 36.01 -37.51 -10.92
C ALA B 44 36.12 -36.34 -9.95
N MET B 45 36.45 -35.17 -10.50
CA MET B 45 36.65 -33.97 -9.71
C MET B 45 35.71 -32.86 -10.16
N GLY B 46 35.47 -31.90 -9.28
CA GLY B 46 35.00 -30.56 -9.69
C GLY B 46 35.96 -29.99 -10.75
N HIS B 47 35.41 -29.26 -11.73
CA HIS B 47 36.24 -28.63 -12.75
C HIS B 47 36.16 -27.11 -12.64
N VAL B 48 37.29 -26.43 -12.88
CA VAL B 48 37.34 -24.97 -12.87
C VAL B 48 38.10 -24.50 -14.07
N LEU B 49 37.50 -23.58 -14.80
CA LEU B 49 38.21 -22.84 -15.82
C LEU B 49 38.77 -21.63 -15.08
N GLN B 50 40.07 -21.68 -14.79
CA GLN B 50 40.67 -20.61 -14.00
C GLN B 50 41.19 -19.52 -14.93
N LEU B 51 40.77 -18.29 -14.67
CA LEU B 51 41.29 -17.13 -15.37
C LEU B 51 42.14 -16.31 -14.40
N GLU B 52 43.41 -16.18 -14.72
CA GLU B 52 44.38 -15.59 -13.81
C GLU B 52 44.69 -14.16 -14.28
N SER B 53 44.52 -13.17 -13.39
CA SER B 53 44.75 -11.76 -13.73
C SER B 53 44.87 -10.89 -12.51
N ALA B 54 45.71 -9.85 -12.61
CA ALA B 54 45.82 -8.80 -11.59
C ALA B 54 44.46 -8.43 -11.02
N SER B 55 44.30 -8.54 -9.70
CA SER B 55 43.03 -8.26 -9.01
C SER B 55 42.55 -6.81 -9.17
N ASP B 56 43.49 -5.90 -9.39
CA ASP B 56 43.17 -4.48 -9.42
C ASP B 56 42.96 -4.00 -10.87
N LYS B 57 43.02 -4.93 -11.81
CA LYS B 57 42.70 -4.64 -13.22
C LYS B 57 41.48 -5.42 -13.74
N ALA B 58 40.75 -4.82 -14.66
CA ALA B 58 39.63 -5.48 -15.36
C ALA B 58 39.96 -6.91 -15.80
N HIS B 59 39.00 -7.80 -15.61
CA HIS B 59 39.17 -9.17 -16.02
C HIS B 59 37.80 -9.79 -16.36
N TYR B 60 37.58 -10.05 -17.65
CA TYR B 60 36.23 -10.43 -18.10
C TYR B 60 36.24 -11.24 -19.40
N ILE B 61 35.09 -11.82 -19.72
CA ILE B 61 34.92 -12.60 -20.93
C ILE B 61 34.12 -11.71 -21.86
N LEU B 62 34.61 -11.52 -23.08
CA LEU B 62 33.96 -10.65 -24.06
C LEU B 62 33.54 -11.48 -25.26
N SER B 63 32.27 -11.36 -25.63
CA SER B 63 31.76 -11.96 -26.87
C SER B 63 31.57 -10.88 -27.97
N LYS B 64 32.16 -11.13 -29.14
CA LYS B 64 31.97 -10.27 -30.31
C LYS B 64 31.35 -11.08 -31.43
N ASP B 65 30.32 -10.51 -32.07
CA ASP B 65 29.74 -11.13 -33.27
C ASP B 65 30.14 -10.23 -34.44
N GLY B 66 30.86 -10.75 -35.42
N GLY B 66 30.86 -10.84 -35.37
CA GLY B 66 31.27 -9.91 -36.58
CA GLY B 66 31.67 -10.13 -36.34
C GLY B 66 31.92 -8.58 -36.19
C GLY B 66 32.74 -9.41 -35.54
N ASN B 67 32.89 -8.65 -35.28
N ASN B 67 32.78 -8.10 -35.68
CA ASN B 67 33.65 -7.47 -34.82
CA ASN B 67 33.66 -7.27 -34.90
C ASN B 67 32.90 -6.51 -33.90
C ASN B 67 32.89 -6.43 -33.88
N ARG B 68 31.63 -6.79 -33.67
CA ARG B 68 30.77 -5.97 -32.79
C ARG B 68 30.77 -6.51 -31.36
N ASN B 69 31.14 -5.66 -30.40
CA ASN B 69 31.03 -6.05 -28.99
C ASN B 69 29.59 -6.39 -28.70
N ASN B 70 29.36 -7.61 -28.21
CA ASN B 70 27.99 -8.10 -28.09
C ASN B 70 27.54 -8.25 -26.63
N TRP B 71 28.28 -9.04 -25.86
CA TRP B 71 28.05 -9.14 -24.41
C TRP B 71 29.36 -9.40 -23.69
N TYR B 72 29.34 -9.18 -22.38
CA TYR B 72 30.48 -9.58 -21.56
C TYR B 72 30.02 -10.00 -20.18
N ILE B 73 30.85 -10.79 -19.53
CA ILE B 73 30.63 -11.10 -18.11
C ILE B 73 31.95 -11.00 -17.36
N GLY B 74 31.90 -10.39 -16.18
CA GLY B 74 33.05 -10.34 -15.30
C GLY B 74 33.32 -8.96 -14.76
N ARG B 75 34.60 -8.70 -14.50
CA ARG B 75 35.01 -7.48 -13.82
C ARG B 75 35.41 -6.49 -14.94
N GLY B 76 34.47 -5.60 -15.27
CA GLY B 76 34.60 -4.73 -16.46
C GLY B 76 35.60 -3.58 -16.42
N SER B 77 35.93 -3.08 -15.21
CA SER B 77 36.81 -1.92 -15.04
C SER B 77 37.96 -2.21 -14.08
N ASP B 78 39.10 -1.55 -14.33
CA ASP B 78 40.25 -1.51 -13.39
C ASP B 78 39.84 -0.86 -12.09
N ASN B 79 40.54 -1.20 -11.01
CA ASN B 79 40.36 -0.54 -9.70
C ASN B 79 38.87 -0.46 -9.31
N ASN B 80 38.17 -1.56 -9.53
CA ASN B 80 36.73 -1.60 -9.34
C ASN B 80 36.39 -3.08 -9.32
N ASN B 81 35.81 -3.53 -8.21
CA ASN B 81 35.46 -4.96 -8.07
C ASN B 81 34.05 -5.36 -8.47
N ASP B 82 33.30 -4.39 -9.01
CA ASP B 82 31.98 -4.68 -9.56
C ASP B 82 32.07 -5.74 -10.66
N CYS B 83 31.11 -6.68 -10.63
CA CYS B 83 31.04 -7.75 -11.62
C CYS B 83 29.74 -7.60 -12.36
N THR B 84 29.83 -7.71 -13.68
CA THR B 84 28.77 -7.31 -14.57
C THR B 84 28.46 -8.38 -15.60
N PHE B 85 27.16 -8.52 -15.90
CA PHE B 85 26.70 -9.28 -17.05
C PHE B 85 25.99 -8.25 -17.94
N HIS B 86 26.53 -7.97 -19.12
CA HIS B 86 26.12 -6.81 -19.93
C HIS B 86 25.90 -7.17 -21.38
N SER B 87 24.77 -6.72 -21.93
CA SER B 87 24.56 -6.77 -23.37
C SER B 87 24.89 -5.40 -23.92
N TYR B 88 25.95 -5.32 -24.75
CA TYR B 88 26.30 -4.07 -25.46
C TYR B 88 25.21 -3.70 -26.45
N VAL B 89 24.67 -4.69 -27.15
CA VAL B 89 23.68 -4.40 -28.17
C VAL B 89 22.39 -3.83 -27.55
N HIS B 90 21.89 -4.48 -26.49
CA HIS B 90 20.65 -4.05 -25.84
C HIS B 90 20.87 -2.89 -24.88
N GLY B 91 22.10 -2.75 -24.40
CA GLY B 91 22.43 -1.77 -23.36
C GLY B 91 21.73 -2.17 -22.06
N THR B 92 21.58 -3.48 -21.83
CA THR B 92 20.86 -3.97 -20.65
C THR B 92 21.84 -4.76 -19.79
N THR B 93 21.79 -4.54 -18.48
CA THR B 93 22.92 -4.83 -17.61
C THR B 93 22.51 -5.29 -16.23
N LEU B 94 23.14 -6.37 -15.76
CA LEU B 94 23.11 -6.75 -14.34
C LEU B 94 24.49 -6.55 -13.72
N THR B 95 24.55 -5.85 -12.59
CA THR B 95 25.81 -5.64 -11.88
C THR B 95 25.73 -6.03 -10.43
N LEU B 96 26.78 -6.70 -9.99
CA LEU B 96 26.98 -7.03 -8.59
C LEU B 96 27.90 -5.99 -8.00
N LYS B 97 27.36 -5.19 -7.09
CA LYS B 97 28.15 -4.15 -6.44
C LYS B 97 28.39 -4.54 -4.99
N GLN B 98 29.06 -3.65 -4.25
CA GLN B 98 29.43 -3.98 -2.87
C GLN B 98 28.23 -4.29 -1.97
N ASP B 99 27.24 -3.38 -1.95
CA ASP B 99 26.09 -3.50 -1.05
C ASP B 99 24.77 -3.85 -1.71
N TYR B 100 24.76 -3.99 -3.03
CA TYR B 100 23.52 -4.37 -3.70
C TYR B 100 23.80 -4.93 -5.08
N ALA B 101 22.79 -5.60 -5.67
CA ALA B 101 22.86 -5.96 -7.09
C ALA B 101 21.87 -5.06 -7.81
N VAL B 102 22.11 -4.80 -9.09
CA VAL B 102 21.33 -3.77 -9.76
C VAL B 102 21.13 -4.18 -11.21
N VAL B 103 19.89 -4.04 -11.69
CA VAL B 103 19.65 -4.01 -13.15
C VAL B 103 19.33 -2.57 -13.60
N ASN B 104 19.70 -2.23 -14.82
CA ASN B 104 19.60 -0.84 -15.26
C ASN B 104 18.28 -0.51 -16.01
N LYS B 105 17.37 -1.48 -16.09
CA LYS B 105 16.08 -1.28 -16.78
C LYS B 105 15.02 -2.00 -15.94
N HIS B 106 13.74 -1.84 -16.31
CA HIS B 106 12.61 -2.56 -15.66
C HIS B 106 12.96 -4.04 -15.53
N PHE B 107 12.50 -4.64 -14.45
CA PHE B 107 12.81 -6.03 -14.15
C PHE B 107 11.53 -6.86 -14.07
N HIS B 108 11.42 -7.88 -14.91
CA HIS B 108 10.24 -8.72 -14.89
C HIS B 108 10.48 -9.96 -14.04
N VAL B 109 9.47 -10.34 -13.25
CA VAL B 109 9.48 -11.60 -12.52
C VAL B 109 8.32 -12.37 -13.09
N GLY B 110 8.61 -13.36 -13.94
CA GLY B 110 7.61 -14.01 -14.75
C GLY B 110 7.10 -12.93 -15.69
N GLN B 111 5.81 -12.62 -15.58
CA GLN B 111 5.19 -11.50 -16.30
C GLN B 111 5.03 -10.28 -15.41
N ALA B 112 5.19 -10.43 -14.10
CA ALA B 112 5.10 -9.24 -13.23
C ALA B 112 6.23 -8.29 -13.57
N VAL B 113 6.04 -7.00 -13.31
CA VAL B 113 7.07 -6.02 -13.63
C VAL B 113 7.39 -5.17 -12.39
N VAL B 114 8.67 -5.08 -12.07
CA VAL B 114 9.15 -4.06 -11.12
C VAL B 114 9.74 -2.96 -12.00
N ALA B 115 9.14 -1.77 -11.97
CA ALA B 115 9.59 -0.67 -12.83
C ALA B 115 10.70 0.15 -12.15
N THR B 116 11.51 0.84 -12.96
CA THR B 116 12.60 1.71 -12.43
C THR B 116 12.09 2.87 -11.56
N ASP B 117 10.77 3.11 -11.54
CA ASP B 117 10.22 4.10 -10.61
C ASP B 117 9.70 3.47 -9.30
N GLY B 118 9.92 2.17 -9.11
CA GLY B 118 9.48 1.48 -7.89
C GLY B 118 8.03 0.96 -7.96
N ASN B 119 7.34 1.27 -9.06
CA ASN B 119 5.99 0.74 -9.27
C ASN B 119 6.06 -0.76 -9.54
N ILE B 120 4.94 -1.46 -9.30
CA ILE B 120 4.87 -2.92 -9.53
C ILE B 120 3.58 -3.27 -10.26
N GLN B 121 3.69 -4.07 -11.31
CA GLN B 121 2.53 -4.52 -12.03
C GLN B 121 2.43 -6.00 -11.87
N GLY B 122 1.22 -6.51 -11.65
CA GLY B 122 1.01 -7.93 -11.72
C GLY B 122 -0.43 -8.34 -11.53
N THR B 123 -0.67 -9.64 -11.65
CA THR B 123 -2.03 -10.19 -11.54
C THR B 123 -2.61 -10.02 -10.15
N LYS B 124 -1.76 -10.04 -9.11
CA LYS B 124 -2.27 -9.88 -7.74
C LYS B 124 -2.94 -8.50 -7.55
N TRP B 125 -2.48 -7.52 -8.32
CA TRP B 125 -3.05 -6.16 -8.27
C TRP B 125 -4.10 -5.98 -9.33
N GLY B 126 -4.72 -7.09 -9.74
CA GLY B 126 -5.76 -7.07 -10.77
C GLY B 126 -5.23 -6.71 -12.14
N GLY B 127 -3.94 -6.88 -12.35
CA GLY B 127 -3.33 -6.49 -13.62
C GLY B 127 -3.06 -5.00 -13.67
N LYS B 128 -3.41 -4.28 -12.60
CA LYS B 128 -3.09 -2.86 -12.51
C LYS B 128 -1.66 -2.67 -12.00
N TRP B 129 -1.18 -1.43 -12.09
CA TRP B 129 0.00 -1.05 -11.33
C TRP B 129 -0.40 -0.87 -9.86
N LEU B 130 0.53 -1.23 -8.97
CA LEU B 130 0.29 -1.12 -7.54
C LEU B 130 -0.23 0.28 -7.13
N ASP B 131 0.35 1.34 -7.68
CA ASP B 131 -0.09 2.69 -7.28
C ASP B 131 -1.59 2.84 -7.47
N ALA B 132 -2.11 2.29 -8.55
CA ALA B 132 -3.54 2.38 -8.88
C ALA B 132 -4.40 1.41 -8.08
N TYR B 133 -3.92 0.16 -7.92
CA TYR B 133 -4.55 -0.77 -6.99
C TYR B 133 -4.76 -0.13 -5.58
N LEU B 134 -3.73 0.56 -5.08
CA LEU B 134 -3.77 1.17 -3.74
C LEU B 134 -4.81 2.29 -3.72
N ARG B 135 -4.72 3.17 -4.73
CA ARG B 135 -5.64 4.31 -4.83
C ARG B 135 -7.09 3.85 -4.88
N ASP B 136 -7.31 2.77 -5.62
CA ASP B 136 -8.66 2.23 -5.80
C ASP B 136 -9.19 1.44 -4.60
N SER B 137 -8.29 0.86 -3.81
CA SER B 137 -8.66 -0.05 -2.73
C SER B 137 -8.83 0.57 -1.32
N PHE B 138 -8.07 1.63 -1.04
CA PHE B 138 -7.95 2.16 0.32
C PHE B 138 -8.35 3.63 0.37
N VAL B 139 -8.91 4.03 1.51
CA VAL B 139 -9.34 5.39 1.69
C VAL B 139 -8.10 6.28 1.82
N ALA B 140 -8.07 7.37 1.03
CA ALA B 140 -6.95 8.31 1.02
C ALA B 140 -6.93 9.13 2.31
N LYS B 141 -5.74 9.23 2.88
CA LYS B 141 -5.50 10.16 3.95
C LYS B 141 -5.08 11.52 3.35
N SER B 142 -6.06 12.21 2.77
CA SER B 142 -5.80 13.44 2.01
C SER B 142 -5.71 14.66 2.92
N LYS B 143 -6.33 14.59 4.10
CA LYS B 143 -6.44 15.75 5.01
C LYS B 143 -6.71 17.05 4.22
N ALA B 144 -7.69 16.96 3.33
CA ALA B 144 -8.09 18.11 2.53
C ALA B 144 -9.55 17.95 2.10
N TRP B 145 -10.22 19.07 1.86
CA TRP B 145 -11.58 19.03 1.45
C TRP B 145 -11.85 20.05 0.30
N THR B 146 -13.00 19.89 -0.33
CA THR B 146 -13.35 20.64 -1.53
C THR B 146 -14.83 20.96 -1.45
N GLN B 147 -15.21 22.21 -1.70
CA GLN B 147 -16.64 22.52 -1.75
C GLN B 147 -17.21 22.03 -3.07
N VAL B 148 -18.33 21.30 -2.96
CA VAL B 148 -19.01 20.78 -4.13
C VAL B 148 -20.37 21.43 -4.39
N TRP B 149 -20.82 22.31 -3.49
CA TRP B 149 -22.08 23.03 -3.71
C TRP B 149 -22.15 24.19 -2.77
N SER B 150 -22.72 25.29 -3.28
CA SER B 150 -23.00 26.49 -2.51
C SER B 150 -24.36 26.98 -3.00
N GLY B 151 -25.26 27.30 -2.08
CA GLY B 151 -26.54 27.89 -2.47
C GLY B 151 -27.42 27.97 -1.26
N SER B 152 -28.68 27.63 -1.43
CA SER B 152 -29.60 27.62 -0.29
C SER B 152 -30.77 26.74 -0.68
N ALA B 153 -30.91 25.62 0.00
CA ALA B 153 -31.89 24.62 -0.37
C ALA B 153 -32.84 24.40 0.80
N GLY B 154 -33.98 25.10 0.76
CA GLY B 154 -35.03 24.94 1.75
C GLY B 154 -35.83 23.66 1.51
N GLY B 155 -36.86 23.44 2.35
CA GLY B 155 -37.65 22.21 2.31
C GLY B 155 -38.10 21.86 0.91
N GLY B 156 -37.86 20.62 0.48
CA GLY B 156 -38.28 20.15 -0.82
C GLY B 156 -37.36 20.53 -1.97
N VAL B 157 -36.34 21.34 -1.71
CA VAL B 157 -35.44 21.78 -2.78
C VAL B 157 -34.31 20.75 -3.01
N SER B 158 -34.12 20.38 -4.26
CA SER B 158 -33.04 19.52 -4.68
C SER B 158 -31.99 20.30 -5.52
N VAL B 159 -30.72 19.89 -5.37
CA VAL B 159 -29.63 20.53 -6.12
C VAL B 159 -28.70 19.48 -6.68
N THR B 160 -27.91 19.89 -7.67
CA THR B 160 -26.92 19.02 -8.28
C THR B 160 -25.58 19.39 -7.70
N VAL B 161 -24.77 18.39 -7.37
CA VAL B 161 -23.43 18.62 -6.84
C VAL B 161 -22.47 18.03 -7.85
N SER B 162 -21.22 18.49 -7.76
CA SER B 162 -20.24 18.20 -8.79
C SER B 162 -19.49 16.88 -8.60
N GLN B 163 -19.75 16.18 -7.49
CA GLN B 163 -19.10 14.89 -7.25
C GLN B 163 -20.14 13.90 -6.75
N ASP B 164 -19.84 12.62 -6.88
CA ASP B 164 -20.71 11.57 -6.37
C ASP B 164 -20.57 11.54 -4.83
N LEU B 165 -21.65 11.93 -4.13
CA LEU B 165 -21.59 12.05 -2.67
C LEU B 165 -21.83 10.76 -1.89
N ARG B 166 -21.92 9.61 -2.57
CA ARG B 166 -22.10 8.34 -1.88
C ARG B 166 -20.84 7.82 -1.17
N PHE B 167 -21.01 7.34 0.06
CA PHE B 167 -19.86 6.88 0.86
C PHE B 167 -18.73 7.89 0.86
N ARG B 168 -19.08 9.11 1.26
CA ARG B 168 -18.11 10.21 1.32
C ARG B 168 -18.18 10.79 2.72
N ASN B 169 -17.08 11.37 3.19
CA ASN B 169 -17.09 12.22 4.36
C ASN B 169 -17.47 13.62 3.91
N ILE B 170 -18.58 14.13 4.46
CA ILE B 170 -19.07 15.42 4.02
C ILE B 170 -19.33 16.31 5.23
N TRP B 171 -19.36 17.62 4.99
CA TRP B 171 -19.75 18.56 5.99
C TRP B 171 -20.76 19.48 5.33
N ILE B 172 -21.88 19.67 6.03
CA ILE B 172 -22.96 20.53 5.58
C ILE B 172 -23.01 21.72 6.48
N LYS B 173 -23.02 22.90 5.88
CA LYS B 173 -23.25 24.14 6.65
C LYS B 173 -24.72 24.50 6.57
N CYS B 174 -25.32 24.71 7.73
CA CYS B 174 -26.73 25.19 7.81
C CYS B 174 -26.75 26.54 8.53
N ALA B 175 -27.32 26.60 9.74
CA ALA B 175 -27.33 27.84 10.54
C ALA B 175 -26.01 28.08 11.27
N ASN B 176 -25.76 29.35 11.61
CA ASN B 176 -24.69 29.76 12.55
C ASN B 176 -23.28 29.50 12.06
N ASN B 177 -23.14 29.43 10.74
CA ASN B 177 -21.83 29.39 10.09
C ASN B 177 -20.90 28.26 10.58
N SER B 178 -21.49 27.10 10.89
CA SER B 178 -20.74 25.95 11.37
C SER B 178 -20.90 24.74 10.43
N TRP B 179 -19.92 23.85 10.49
CA TRP B 179 -19.93 22.64 9.70
C TRP B 179 -20.45 21.50 10.51
N ASN B 180 -21.39 20.78 9.92
CA ASN B 180 -21.98 19.57 10.53
C ASN B 180 -21.48 18.36 9.74
N PHE B 181 -20.69 17.50 10.38
CA PHE B 181 -20.18 16.29 9.74
C PHE B 181 -21.26 15.22 9.49
N PHE B 182 -21.17 14.58 8.33
CA PHE B 182 -21.97 13.40 8.08
C PHE B 182 -21.15 12.52 7.17
N ARG B 183 -21.28 11.20 7.34
CA ARG B 183 -20.79 10.28 6.33
C ARG B 183 -21.99 9.58 5.70
N THR B 184 -22.11 9.73 4.38
CA THR B 184 -23.20 9.13 3.64
C THR B 184 -22.92 7.65 3.32
N GLY B 185 -23.99 6.90 3.07
CA GLY B 185 -23.90 5.58 2.45
C GLY B 185 -24.25 5.75 0.98
N PRO B 186 -25.16 4.91 0.47
CA PRO B 186 -25.63 5.01 -0.92
C PRO B 186 -26.70 6.10 -1.10
N ASP B 187 -27.31 6.19 -2.30
CA ASP B 187 -28.50 7.02 -2.44
C ASP B 187 -29.46 6.61 -1.33
N GLY B 188 -30.14 7.56 -0.71
CA GLY B 188 -30.95 7.23 0.48
C GLY B 188 -31.37 8.48 1.22
N ILE B 189 -32.12 8.28 2.30
CA ILE B 189 -32.65 9.33 3.16
C ILE B 189 -31.81 9.33 4.44
N TYR B 190 -31.29 10.51 4.80
CA TYR B 190 -30.43 10.68 5.97
C TYR B 190 -30.95 11.79 6.86
N PHE B 191 -30.52 11.77 8.11
CA PHE B 191 -30.90 12.80 9.04
C PHE B 191 -29.70 13.29 9.85
N ILE B 192 -29.61 14.61 10.02
CA ILE B 192 -28.60 15.17 10.89
C ILE B 192 -29.23 16.29 11.71
N ALA B 193 -28.98 16.29 13.02
CA ALA B 193 -29.48 17.32 13.90
C ALA B 193 -28.50 18.50 13.76
N SER B 194 -28.46 19.07 12.54
CA SER B 194 -27.52 20.12 12.15
C SER B 194 -27.78 21.42 12.90
N ASP B 195 -26.73 22.26 12.99
CA ASP B 195 -26.83 23.58 13.67
C ASP B 195 -28.07 24.35 13.20
N GLY B 196 -28.87 24.79 14.18
CA GLY B 196 -30.16 25.40 13.90
C GLY B 196 -31.35 24.55 14.32
N GLY B 197 -31.23 23.24 14.22
CA GLY B 197 -32.32 22.33 14.57
C GLY B 197 -32.08 20.98 13.95
N TRP B 198 -32.59 20.76 12.75
CA TRP B 198 -32.32 19.50 12.09
C TRP B 198 -32.59 19.55 10.60
N LEU B 199 -32.02 18.59 9.88
CA LEU B 199 -32.17 18.50 8.45
C LEU B 199 -32.31 17.04 8.06
N ARG B 200 -33.40 16.72 7.37
CA ARG B 200 -33.58 15.39 6.82
C ARG B 200 -33.28 15.58 5.32
N PHE B 201 -32.27 14.88 4.82
CA PHE B 201 -31.84 15.06 3.44
C PHE B 201 -31.78 13.74 2.66
N GLN B 202 -31.69 13.89 1.34
CA GLN B 202 -31.68 12.77 0.43
C GLN B 202 -30.50 12.90 -0.51
N ILE B 203 -29.73 11.82 -0.62
CA ILE B 203 -28.72 11.67 -1.66
C ILE B 203 -29.43 10.85 -2.76
N HIS B 204 -29.45 11.37 -3.98
CA HIS B 204 -30.13 10.68 -5.07
C HIS B 204 -29.33 10.83 -6.35
N SER B 205 -29.81 10.20 -7.43
CA SER B 205 -29.19 10.34 -8.76
C SER B 205 -27.73 9.90 -8.73
N ASN B 206 -27.51 8.74 -8.11
CA ASN B 206 -26.21 8.15 -8.06
C ASN B 206 -25.22 9.12 -7.43
N GLY B 207 -25.67 9.73 -6.35
CA GLY B 207 -24.85 10.57 -5.53
C GLY B 207 -24.67 11.98 -6.05
N LEU B 208 -25.27 12.29 -7.21
CA LEU B 208 -25.13 13.62 -7.82
C LEU B 208 -26.24 14.60 -7.42
N GLY B 209 -27.26 14.11 -6.72
CA GLY B 209 -28.35 14.96 -6.27
C GLY B 209 -28.39 15.07 -4.77
N PHE B 210 -28.62 16.28 -4.28
CA PHE B 210 -28.78 16.47 -2.86
C PHE B 210 -30.08 17.19 -2.64
N LYS B 211 -30.97 16.59 -1.85
CA LYS B 211 -32.27 17.20 -1.60
C LYS B 211 -32.55 17.45 -0.13
N ASN B 212 -33.01 18.67 0.19
CA ASN B 212 -33.54 18.94 1.52
C ASN B 212 -34.97 18.38 1.57
N ILE B 213 -35.17 17.26 2.26
CA ILE B 213 -36.51 16.70 2.42
C ILE B 213 -37.30 17.63 3.35
N ALA B 214 -36.77 17.86 4.55
CA ALA B 214 -37.38 18.77 5.49
C ALA B 214 -36.30 19.21 6.45
N ASP B 215 -36.50 20.38 7.04
CA ASP B 215 -35.57 20.91 8.02
C ASP B 215 -36.35 21.72 9.03
N SER B 216 -35.82 21.84 10.23
CA SER B 216 -36.30 22.78 11.23
C SER B 216 -35.19 23.75 11.48
N ARG B 217 -35.39 24.96 10.96
CA ARG B 217 -34.47 26.10 11.11
C ARG B 217 -33.01 25.78 10.77
N SER B 218 -32.81 24.97 9.73
CA SER B 218 -31.48 24.47 9.44
C SER B 218 -31.39 24.24 7.95
N VAL B 219 -31.37 25.33 7.18
CA VAL B 219 -31.34 25.29 5.72
C VAL B 219 -29.89 25.15 5.23
N PRO B 220 -29.60 24.11 4.45
CA PRO B 220 -28.23 23.90 4.01
C PRO B 220 -27.83 24.94 2.96
N ASN B 221 -26.59 25.44 3.05
CA ASN B 221 -26.08 26.42 2.09
C ASN B 221 -24.70 26.11 1.55
N ALA B 222 -24.06 25.05 2.07
CA ALA B 222 -22.73 24.63 1.58
C ALA B 222 -22.47 23.17 1.92
N ILE B 223 -21.86 22.45 0.98
CA ILE B 223 -21.40 21.07 1.23
C ILE B 223 -19.91 20.96 0.89
N MET B 224 -19.10 20.54 1.87
CA MET B 224 -17.72 20.15 1.64
C MET B 224 -17.65 18.65 1.56
N VAL B 225 -16.71 18.16 0.76
CA VAL B 225 -16.44 16.73 0.71
C VAL B 225 -14.94 16.52 0.99
N GLU B 226 -14.59 15.50 1.76
CA GLU B 226 -13.19 15.16 1.95
C GLU B 226 -12.62 14.60 0.64
N ASN B 227 -11.43 15.06 0.25
CA ASN B 227 -10.84 14.67 -1.04
C ASN B 227 -10.51 13.21 -1.06
N GLU B 228 -10.76 12.57 -2.20
CA GLU B 228 -10.33 11.19 -2.45
C GLU B 228 -9.01 11.16 -3.23
N GLY C 46 27.83 -19.88 -35.55
CA GLY C 46 27.25 -20.03 -34.18
C GLY C 46 28.22 -20.89 -33.35
N HIS C 47 28.73 -20.33 -32.25
CA HIS C 47 29.77 -21.03 -31.49
C HIS C 47 29.38 -21.30 -30.02
N VAL C 48 30.09 -22.25 -29.42
CA VAL C 48 29.87 -22.64 -28.03
C VAL C 48 31.23 -22.89 -27.43
N LEU C 49 31.55 -22.23 -26.32
CA LEU C 49 32.66 -22.69 -25.50
C LEU C 49 32.08 -23.78 -24.58
N GLN C 50 32.48 -25.04 -24.81
CA GLN C 50 31.87 -26.16 -24.12
C GLN C 50 32.70 -26.60 -22.92
N LEU C 51 32.07 -26.57 -21.75
CA LEU C 51 32.69 -26.98 -20.51
C LEU C 51 32.11 -28.35 -20.17
N GLU C 52 32.99 -29.30 -19.85
CA GLU C 52 32.54 -30.67 -19.57
C GLU C 52 33.08 -31.15 -18.23
N SER C 53 32.22 -31.81 -17.47
CA SER C 53 32.60 -32.44 -16.23
C SER C 53 31.87 -33.77 -16.17
N ALA C 54 32.18 -34.58 -15.15
CA ALA C 54 31.44 -35.79 -14.92
C ALA C 54 30.09 -35.39 -14.34
N SER C 55 29.19 -36.36 -14.33
CA SER C 55 27.85 -36.17 -13.81
C SER C 55 27.89 -35.62 -12.38
N ASP C 56 27.11 -34.56 -12.10
CA ASP C 56 27.00 -34.04 -10.71
C ASP C 56 28.27 -33.53 -10.06
N LYS C 57 29.25 -33.17 -10.88
CA LYS C 57 30.46 -32.51 -10.38
C LYS C 57 30.37 -31.02 -10.75
N ALA C 58 30.85 -30.15 -9.85
CA ALA C 58 30.89 -28.72 -10.11
C ALA C 58 31.63 -28.38 -11.40
N HIS C 59 31.23 -27.28 -12.03
CA HIS C 59 32.02 -26.72 -13.12
C HIS C 59 31.69 -25.24 -13.19
N TYR C 60 32.72 -24.43 -13.00
CA TYR C 60 32.56 -22.97 -13.00
C TYR C 60 33.80 -22.33 -13.58
N ILE C 61 33.68 -21.05 -13.90
CA ILE C 61 34.78 -20.26 -14.39
C ILE C 61 35.11 -19.34 -13.23
N LEU C 62 36.40 -19.20 -12.94
CA LEU C 62 36.80 -18.44 -11.79
C LEU C 62 37.87 -17.43 -12.17
N SER C 63 37.69 -16.19 -11.74
CA SER C 63 38.70 -15.17 -11.93
C SER C 63 39.43 -14.98 -10.60
N LYS C 64 40.77 -15.06 -10.64
CA LYS C 64 41.57 -14.91 -9.44
C LYS C 64 42.93 -14.26 -9.69
N ASP C 65 43.54 -13.80 -8.61
CA ASP C 65 44.91 -13.28 -8.61
C ASP C 65 45.64 -13.98 -7.46
N GLY C 66 46.39 -15.03 -7.78
CA GLY C 66 47.02 -15.84 -6.74
C GLY C 66 45.93 -16.48 -5.90
N ASN C 67 45.99 -16.27 -4.59
CA ASN C 67 44.97 -16.81 -3.69
C ASN C 67 43.76 -15.90 -3.47
N ARG C 68 43.74 -14.76 -4.15
CA ARG C 68 42.60 -13.83 -4.05
C ARG C 68 41.61 -14.09 -5.19
N ASN C 69 40.56 -14.81 -4.83
CA ASN C 69 39.45 -15.08 -5.74
C ASN C 69 38.66 -13.79 -5.95
N ASN C 70 38.29 -13.52 -7.20
CA ASN C 70 37.57 -12.32 -7.43
C ASN C 70 36.08 -12.56 -7.77
N TRP C 71 35.83 -13.40 -8.76
CA TRP C 71 34.43 -13.74 -9.10
C TRP C 71 34.38 -15.11 -9.75
N TYR C 72 33.20 -15.72 -9.74
CA TYR C 72 32.98 -16.91 -10.52
C TYR C 72 31.59 -16.93 -11.15
N ILE C 73 31.49 -17.69 -12.23
CA ILE C 73 30.22 -18.00 -12.85
C ILE C 73 30.10 -19.51 -13.09
N GLY C 74 28.97 -20.07 -12.67
CA GLY C 74 28.58 -21.41 -13.09
C GLY C 74 28.09 -22.28 -11.95
N ARG C 75 28.38 -23.58 -12.04
CA ARG C 75 27.87 -24.54 -11.08
C ARG C 75 28.96 -24.75 -10.01
N GLY C 76 28.83 -24.00 -8.92
CA GLY C 76 29.93 -23.93 -7.95
C GLY C 76 30.08 -25.15 -7.06
N SER C 77 29.03 -26.00 -6.95
CA SER C 77 29.05 -27.11 -5.98
C SER C 77 28.81 -28.45 -6.67
N ASP C 78 29.41 -29.55 -6.17
CA ASP C 78 29.06 -30.94 -6.59
C ASP C 78 27.63 -31.26 -6.12
N ASN C 79 26.94 -32.17 -6.81
CA ASN C 79 25.62 -32.66 -6.36
C ASN C 79 24.68 -31.55 -6.01
N ASN C 80 24.67 -30.53 -6.86
CA ASN C 80 23.93 -29.32 -6.60
C ASN C 80 23.89 -28.61 -7.94
N ASN C 81 22.69 -28.41 -8.47
CA ASN C 81 22.53 -27.79 -9.79
C ASN C 81 22.29 -26.29 -9.79
N ASP C 82 22.36 -25.67 -8.61
CA ASP C 82 22.32 -24.21 -8.51
C ASP C 82 23.46 -23.58 -9.33
N CYS C 83 23.11 -22.53 -10.09
CA CYS C 83 24.07 -21.81 -10.92
C CYS C 83 24.18 -20.41 -10.37
N THR C 84 25.42 -19.93 -10.31
CA THR C 84 25.74 -18.70 -9.55
C THR C 84 26.59 -17.76 -10.35
N PHE C 85 26.32 -16.47 -10.18
CA PHE C 85 27.23 -15.41 -10.54
C PHE C 85 27.55 -14.70 -9.23
N HIS C 86 28.82 -14.70 -8.83
CA HIS C 86 29.22 -14.31 -7.50
C HIS C 86 30.50 -13.45 -7.54
N SER C 87 30.48 -12.35 -6.78
CA SER C 87 31.69 -11.61 -6.50
C SER C 87 32.18 -12.03 -5.11
N TYR C 88 33.36 -12.65 -5.05
CA TYR C 88 34.00 -12.93 -3.77
C TYR C 88 34.41 -11.67 -3.01
N VAL C 89 34.82 -10.65 -3.75
CA VAL C 89 35.27 -9.40 -3.12
C VAL C 89 34.08 -8.70 -2.45
N HIS C 90 33.03 -8.47 -3.22
CA HIS C 90 31.82 -7.84 -2.68
C HIS C 90 31.00 -8.75 -1.78
N GLY C 91 31.11 -10.06 -1.97
CA GLY C 91 30.23 -11.02 -1.30
C GLY C 91 28.79 -10.84 -1.78
N THR C 92 28.63 -10.48 -3.05
CA THR C 92 27.31 -10.17 -3.63
C THR C 92 27.09 -11.19 -4.74
N THR C 93 25.87 -11.72 -4.80
CA THR C 93 25.62 -12.99 -5.50
C THR C 93 24.24 -13.02 -6.17
N LEU C 94 24.19 -13.57 -7.38
CA LEU C 94 22.93 -14.01 -8.00
C LEU C 94 22.96 -15.54 -8.12
N THR C 95 21.89 -16.22 -7.71
CA THR C 95 21.82 -17.67 -7.85
C THR C 95 20.52 -18.08 -8.52
N LEU C 96 20.65 -19.04 -9.44
CA LEU C 96 19.50 -19.64 -10.10
C LEU C 96 19.27 -20.95 -9.37
N LYS C 97 18.14 -21.04 -8.64
CA LYS C 97 17.82 -22.21 -7.88
C LYS C 97 16.63 -22.95 -8.49
N GLN C 98 16.20 -24.03 -7.88
CA GLN C 98 15.18 -24.86 -8.52
C GLN C 98 13.85 -24.11 -8.75
N ASP C 99 13.40 -23.35 -7.75
CA ASP C 99 12.04 -22.76 -7.80
C ASP C 99 12.02 -21.26 -7.82
N TYR C 100 13.22 -20.65 -7.75
CA TYR C 100 13.33 -19.20 -7.80
C TYR C 100 14.76 -18.76 -8.15
N ALA C 101 14.93 -17.50 -8.48
CA ALA C 101 16.23 -16.86 -8.56
C ALA C 101 16.37 -15.96 -7.34
N VAL C 102 17.61 -15.68 -6.90
CA VAL C 102 17.80 -14.93 -5.66
C VAL C 102 19.08 -14.10 -5.74
N VAL C 103 19.00 -12.86 -5.29
CA VAL C 103 20.20 -12.10 -4.99
C VAL C 103 20.28 -12.01 -3.47
N ASN C 104 21.50 -11.96 -2.95
CA ASN C 104 21.68 -12.04 -1.49
C ASN C 104 21.76 -10.68 -0.81
N LYS C 105 21.53 -9.62 -1.59
CA LYS C 105 21.54 -8.26 -1.05
C LYS C 105 20.37 -7.47 -1.65
N HIS C 106 20.16 -6.24 -1.20
CA HIS C 106 19.15 -5.37 -1.81
C HIS C 106 19.33 -5.31 -3.32
N PHE C 107 18.20 -5.18 -4.03
CA PHE C 107 18.19 -5.28 -5.49
C PHE C 107 17.68 -3.97 -6.09
N HIS C 108 18.49 -3.34 -6.94
CA HIS C 108 18.07 -2.06 -7.53
C HIS C 108 17.55 -2.26 -8.94
N VAL C 109 16.50 -1.53 -9.26
CA VAL C 109 15.91 -1.53 -10.61
C VAL C 109 16.00 -0.09 -11.09
N GLY C 110 17.00 0.21 -11.93
CA GLY C 110 17.36 1.61 -12.21
C GLY C 110 17.83 2.17 -10.88
N GLN C 111 17.16 3.23 -10.40
CA GLN C 111 17.42 3.79 -9.04
C GLN C 111 16.49 3.25 -7.96
N ALA C 112 15.46 2.51 -8.37
CA ALA C 112 14.48 1.97 -7.40
C ALA C 112 15.16 0.86 -6.66
N VAL C 113 14.73 0.62 -5.42
CA VAL C 113 15.33 -0.40 -4.58
C VAL C 113 14.27 -1.36 -4.06
N VAL C 114 14.49 -2.66 -4.24
CA VAL C 114 13.74 -3.66 -3.47
C VAL C 114 14.68 -4.09 -2.34
N ALA C 115 14.33 -3.80 -1.09
CA ALA C 115 15.22 -4.16 0.01
C ALA C 115 14.96 -5.60 0.49
N THR C 116 15.96 -6.15 1.20
CA THR C 116 15.88 -7.53 1.66
C THR C 116 14.76 -7.72 2.72
N ASP C 117 14.22 -6.61 3.23
CA ASP C 117 13.05 -6.72 4.12
C ASP C 117 11.71 -6.68 3.37
N GLY C 118 11.73 -6.63 2.03
CA GLY C 118 10.53 -6.55 1.21
C GLY C 118 10.02 -5.12 0.94
N ASN C 119 10.71 -4.13 1.52
CA ASN C 119 10.35 -2.72 1.30
C ASN C 119 10.80 -2.28 -0.09
N ILE C 120 10.22 -1.20 -0.58
CA ILE C 120 10.52 -0.72 -1.93
C ILE C 120 10.65 0.79 -1.94
N GLN C 121 11.71 1.29 -2.57
CA GLN C 121 11.86 2.74 -2.69
C GLN C 121 11.84 3.15 -4.16
N GLY C 122 11.17 4.25 -4.47
CA GLY C 122 11.18 4.72 -5.84
C GLY C 122 10.52 6.06 -5.97
N THR C 123 10.77 6.69 -7.11
CA THR C 123 10.17 7.99 -7.41
C THR C 123 8.63 7.89 -7.45
N LYS C 124 8.07 6.75 -7.90
CA LYS C 124 6.61 6.60 -7.86
C LYS C 124 6.02 6.78 -6.43
N TRP C 125 6.79 6.42 -5.41
CA TRP C 125 6.36 6.58 -4.02
C TRP C 125 6.86 7.92 -3.46
N GLY C 126 7.07 8.90 -4.34
CA GLY C 126 7.60 10.22 -4.01
C GLY C 126 9.01 10.18 -3.45
N GLY C 127 9.79 9.18 -3.81
CA GLY C 127 11.14 9.02 -3.25
C GLY C 127 11.13 8.38 -1.87
N LYS C 128 9.94 8.06 -1.37
CA LYS C 128 9.84 7.42 -0.04
C LYS C 128 10.01 5.92 -0.18
N TRP C 129 10.25 5.26 0.94
CA TRP C 129 10.02 3.82 1.05
C TRP C 129 8.52 3.61 1.07
N LEU C 130 8.10 2.50 0.45
CA LEU C 130 6.71 2.17 0.34
C LEU C 130 5.99 2.16 1.69
N ASP C 131 6.63 1.61 2.73
CA ASP C 131 5.93 1.56 4.01
C ASP C 131 5.51 2.98 4.44
N ALA C 132 6.38 3.96 4.21
CA ALA C 132 6.15 5.34 4.63
C ALA C 132 5.11 5.98 3.69
N TYR C 133 5.27 5.74 2.40
CA TYR C 133 4.28 6.21 1.43
C TYR C 133 2.87 5.73 1.82
N LEU C 134 2.76 4.44 2.18
CA LEU C 134 1.46 3.84 2.53
C LEU C 134 0.95 4.49 3.79
N ARG C 135 1.79 4.59 4.82
CA ARG C 135 1.39 5.25 6.06
C ARG C 135 0.90 6.69 5.82
N ASP C 136 1.59 7.41 4.96
CA ASP C 136 1.24 8.80 4.69
C ASP C 136 0.01 8.94 3.81
N SER C 137 -0.29 7.92 3.00
CA SER C 137 -1.26 8.08 1.92
C SER C 137 -2.65 7.55 2.21
N PHE C 138 -2.75 6.55 3.09
CA PHE C 138 -4.01 5.84 3.32
C PHE C 138 -4.35 5.84 4.81
N VAL C 139 -5.65 5.86 5.09
CA VAL C 139 -6.13 5.95 6.46
C VAL C 139 -5.85 4.59 7.16
N ALA C 140 -5.28 4.65 8.35
CA ALA C 140 -4.91 3.44 9.08
C ALA C 140 -6.13 2.75 9.66
N LYS C 141 -6.21 1.43 9.46
CA LYS C 141 -7.21 0.65 10.14
C LYS C 141 -6.62 0.24 11.50
N SER C 142 -6.49 1.21 12.40
CA SER C 142 -5.87 1.00 13.73
C SER C 142 -6.82 0.40 14.74
N LYS C 143 -8.13 0.67 14.60
CA LYS C 143 -9.14 0.32 15.61
C LYS C 143 -8.71 0.54 17.04
N ALA C 144 -8.22 1.73 17.32
CA ALA C 144 -7.80 2.04 18.68
C ALA C 144 -7.87 3.54 18.76
N TRP C 145 -8.05 4.06 19.96
CA TRP C 145 -8.07 5.49 20.13
C TRP C 145 -7.12 5.96 21.28
N THR C 146 -6.88 7.27 21.33
CA THR C 146 -6.04 7.90 22.33
C THR C 146 -6.77 9.10 22.92
N GLN C 147 -6.60 9.30 24.21
CA GLN C 147 -7.12 10.50 24.83
C GLN C 147 -6.18 11.68 24.56
N VAL C 148 -6.74 12.76 24.02
CA VAL C 148 -5.90 13.91 23.69
C VAL C 148 -6.08 15.07 24.66
N TRP C 149 -7.14 14.99 25.46
CA TRP C 149 -7.46 16.03 26.41
C TRP C 149 -8.55 15.56 27.36
N SER C 150 -8.47 16.02 28.60
CA SER C 150 -9.60 15.92 29.52
C SER C 150 -9.53 17.07 30.51
N GLY C 151 -10.69 17.44 31.04
CA GLY C 151 -10.78 18.66 31.82
C GLY C 151 -12.21 19.10 31.77
N SER C 152 -12.44 20.42 31.69
CA SER C 152 -13.79 20.93 31.50
C SER C 152 -13.70 22.21 30.71
N ALA C 153 -14.38 22.26 29.57
CA ALA C 153 -14.28 23.44 28.72
C ALA C 153 -15.67 24.03 28.46
N GLY C 154 -16.06 24.97 29.32
CA GLY C 154 -17.37 25.62 29.24
C GLY C 154 -17.35 26.68 28.15
N GLY C 155 -18.47 27.38 27.98
CA GLY C 155 -18.61 28.33 26.87
C GLY C 155 -17.47 29.33 26.82
N GLY C 156 -16.87 29.49 25.65
CA GLY C 156 -15.77 30.42 25.44
C GLY C 156 -14.41 29.92 25.87
N VAL C 157 -14.33 28.72 26.46
CA VAL C 157 -13.04 28.20 26.94
C VAL C 157 -12.32 27.40 25.86
N SER C 158 -11.03 27.72 25.71
CA SER C 158 -10.18 27.05 24.77
C SER C 158 -9.12 26.25 25.53
N VAL C 159 -8.74 25.11 24.95
CA VAL C 159 -7.72 24.25 25.55
C VAL C 159 -6.76 23.83 24.44
N THR C 160 -5.57 23.45 24.88
CA THR C 160 -4.56 22.90 24.03
C THR C 160 -4.68 21.38 24.07
N VAL C 161 -4.60 20.74 22.89
CA VAL C 161 -4.69 19.26 22.79
C VAL C 161 -3.35 18.61 22.37
N SER C 162 -3.21 17.29 22.62
CA SER C 162 -1.91 16.57 22.43
C SER C 162 -1.52 16.28 20.95
N GLN C 163 -2.50 16.32 20.04
CA GLN C 163 -2.27 16.04 18.62
C GLN C 163 -2.98 17.05 17.74
N ASP C 164 -2.56 17.10 16.49
CA ASP C 164 -3.24 17.89 15.46
C ASP C 164 -4.60 17.24 15.17
N LEU C 165 -5.68 17.90 15.58
CA LEU C 165 -7.03 17.31 15.40
C LEU C 165 -7.74 17.58 14.06
N ARG C 166 -7.00 18.12 13.08
CA ARG C 166 -7.57 18.35 11.75
C ARG C 166 -7.73 17.07 10.94
N PHE C 167 -8.89 16.90 10.31
CA PHE C 167 -9.20 15.66 9.57
C PHE C 167 -8.88 14.39 10.41
N ARG C 168 -9.44 14.38 11.62
CA ARG C 168 -9.34 13.26 12.54
C ARG C 168 -10.78 12.75 12.91
N ASN C 169 -10.86 11.48 13.30
CA ASN C 169 -12.04 10.94 13.94
C ASN C 169 -11.91 11.20 15.42
N ILE C 170 -12.80 12.05 15.96
CA ILE C 170 -12.76 12.36 17.39
C ILE C 170 -14.06 11.95 18.05
N TRP C 171 -14.02 11.75 19.37
CA TRP C 171 -15.22 11.52 20.17
C TRP C 171 -15.08 12.47 21.35
N ILE C 172 -16.16 13.22 21.59
CA ILE C 172 -16.18 14.21 22.64
C ILE C 172 -17.16 13.73 23.69
N LYS C 173 -16.72 13.74 24.95
CA LYS C 173 -17.62 13.38 26.02
C LYS C 173 -18.09 14.67 26.66
N CYS C 174 -19.41 14.79 26.76
CA CYS C 174 -20.07 15.94 27.38
C CYS C 174 -20.91 15.42 28.52
N ALA C 175 -22.22 15.59 28.45
CA ALA C 175 -23.10 15.11 29.54
C ALA C 175 -23.36 13.59 29.46
N ASN C 176 -23.74 13.02 30.60
CA ASN C 176 -24.30 11.65 30.64
C ASN C 176 -23.31 10.56 30.24
N ASN C 177 -22.02 10.83 30.45
CA ASN C 177 -20.96 9.83 30.30
C ASN C 177 -20.94 9.07 28.96
N SER C 178 -21.36 9.75 27.90
CA SER C 178 -21.39 9.15 26.56
C SER C 178 -20.40 9.81 25.58
N TRP C 179 -20.02 9.09 24.53
CA TRP C 179 -19.14 9.63 23.50
C TRP C 179 -19.95 10.12 22.31
N ASN C 180 -19.62 11.31 21.85
CA ASN C 180 -20.30 11.93 20.70
C ASN C 180 -19.29 11.96 19.56
N PHE C 181 -19.55 11.23 18.47
CA PHE C 181 -18.62 11.18 17.38
C PHE C 181 -18.63 12.46 16.51
N PHE C 182 -17.45 12.86 16.05
CA PHE C 182 -17.35 13.91 15.04
C PHE C 182 -16.11 13.68 14.20
N ARG C 183 -16.18 13.91 12.88
CA ARG C 183 -14.97 13.94 12.06
C ARG C 183 -14.70 15.38 11.63
N THR C 184 -13.54 15.90 12.04
CA THR C 184 -13.19 17.31 11.79
C THR C 184 -12.63 17.44 10.37
N GLY C 185 -12.71 18.64 9.83
CA GLY C 185 -11.99 19.01 8.63
C GLY C 185 -10.78 19.83 9.09
N PRO C 186 -10.55 21.01 8.48
CA PRO C 186 -9.41 21.85 8.89
C PRO C 186 -9.76 22.69 10.11
N ASP C 187 -8.87 23.59 10.51
CA ASP C 187 -9.22 24.58 11.52
C ASP C 187 -10.56 25.18 11.06
N GLY C 188 -11.49 25.38 11.98
CA GLY C 188 -12.80 25.86 11.59
C GLY C 188 -13.81 25.70 12.71
N ILE C 189 -15.06 26.01 12.37
CA ILE C 189 -16.18 26.06 13.32
C ILE C 189 -17.10 24.88 13.02
N TYR C 190 -17.43 24.13 14.07
CA TYR C 190 -18.15 22.88 13.93
C TYR C 190 -19.27 22.83 14.94
N PHE C 191 -20.24 21.96 14.66
CA PHE C 191 -21.41 21.82 15.51
C PHE C 191 -21.79 20.36 15.67
N ILE C 192 -22.08 19.99 16.91
CA ILE C 192 -22.58 18.66 17.21
C ILE C 192 -23.71 18.78 18.22
N ALA C 193 -24.84 18.15 17.93
CA ALA C 193 -25.91 18.03 18.95
C ALA C 193 -25.52 16.92 19.95
N SER C 194 -24.50 17.22 20.75
CA SER C 194 -23.94 16.25 21.68
C SER C 194 -24.83 16.05 22.92
N ASP C 195 -24.65 14.88 23.56
CA ASP C 195 -25.40 14.52 24.77
C ASP C 195 -25.47 15.67 25.77
N GLY C 196 -26.70 16.05 26.11
CA GLY C 196 -26.99 17.14 27.02
C GLY C 196 -27.70 18.27 26.28
N GLY C 197 -27.35 18.47 25.03
CA GLY C 197 -28.02 19.50 24.23
C GLY C 197 -27.28 19.70 22.92
N TRP C 198 -26.31 20.61 22.91
CA TRP C 198 -25.48 20.80 21.72
C TRP C 198 -24.20 21.55 22.07
N LEU C 199 -23.24 21.50 21.15
CA LEU C 199 -21.93 22.11 21.37
C LEU C 199 -21.51 22.66 20.02
N ARG C 200 -21.16 23.95 19.97
CA ARG C 200 -20.55 24.53 18.78
C ARG C 200 -19.09 24.75 19.19
N PHE C 201 -18.17 24.15 18.46
CA PHE C 201 -16.77 24.15 18.86
C PHE C 201 -15.84 24.57 17.71
N GLN C 202 -14.62 24.93 18.05
CA GLN C 202 -13.71 25.40 17.06
C GLN C 202 -12.42 24.63 17.16
N ILE C 203 -11.93 24.19 16.00
CA ILE C 203 -10.58 23.68 15.91
C ILE C 203 -9.74 24.86 15.44
N HIS C 204 -8.66 25.16 16.17
CA HIS C 204 -7.80 26.26 15.78
C HIS C 204 -6.32 25.96 16.02
N SER C 205 -5.48 26.93 15.68
CA SER C 205 -4.02 26.82 15.91
C SER C 205 -3.47 25.53 15.27
N ASN C 206 -3.78 25.35 13.99
CA ASN C 206 -3.33 24.19 13.24
C ASN C 206 -3.63 22.86 13.94
N GLY C 207 -4.87 22.73 14.42
CA GLY C 207 -5.32 21.48 15.03
C GLY C 207 -4.96 21.31 16.49
N LEU C 208 -4.22 22.24 17.07
CA LEU C 208 -3.75 22.05 18.47
C LEU C 208 -4.59 22.79 19.50
N GLY C 209 -5.55 23.59 19.03
CA GLY C 209 -6.50 24.23 19.89
C GLY C 209 -7.91 23.73 19.67
N PHE C 210 -8.59 23.50 20.80
CA PHE C 210 -9.99 23.10 20.81
C PHE C 210 -10.72 24.11 21.69
N LYS C 211 -11.77 24.71 21.16
CA LYS C 211 -12.51 25.73 21.88
C LYS C 211 -14.02 25.46 21.84
N ASN C 212 -14.65 25.51 23.02
CA ASN C 212 -16.09 25.56 23.14
C ASN C 212 -16.54 27.00 22.81
N ILE C 213 -17.14 27.21 21.64
CA ILE C 213 -17.67 28.54 21.31
C ILE C 213 -18.95 28.78 22.13
N ALA C 214 -19.89 27.85 22.03
CA ALA C 214 -21.07 27.87 22.90
C ALA C 214 -21.59 26.44 23.05
N ASP C 215 -22.29 26.17 24.16
CA ASP C 215 -22.97 24.90 24.31
C ASP C 215 -24.29 25.14 25.03
N SER C 216 -25.23 24.22 24.87
CA SER C 216 -26.41 24.17 25.72
C SER C 216 -26.36 22.87 26.51
N ARG C 217 -26.01 22.98 27.79
CA ARG C 217 -26.00 21.86 28.74
C ARG C 217 -25.13 20.67 28.29
N SER C 218 -24.02 20.98 27.60
CA SER C 218 -23.23 19.94 26.94
C SER C 218 -21.78 20.41 26.91
N VAL C 219 -21.13 20.32 28.08
CA VAL C 219 -19.79 20.83 28.32
C VAL C 219 -18.81 19.70 28.10
N PRO C 220 -17.87 19.88 27.14
CA PRO C 220 -16.84 18.87 26.86
C PRO C 220 -15.91 18.67 28.04
N ASN C 221 -15.66 17.40 28.34
CA ASN C 221 -14.79 17.02 29.46
C ASN C 221 -13.74 15.99 29.09
N ALA C 222 -13.82 15.44 27.88
CA ALA C 222 -12.80 14.51 27.35
C ALA C 222 -12.90 14.41 25.84
N ILE C 223 -11.76 14.24 25.18
CA ILE C 223 -11.76 14.05 23.75
C ILE C 223 -10.87 12.84 23.43
N MET C 224 -11.41 11.87 22.69
CA MET C 224 -10.60 10.76 22.15
C MET C 224 -10.36 10.99 20.66
N VAL C 225 -9.25 10.48 20.13
CA VAL C 225 -8.99 10.54 18.70
C VAL C 225 -8.57 9.13 18.19
N GLU C 226 -9.05 8.76 16.99
CA GLU C 226 -8.68 7.51 16.41
C GLU C 226 -7.20 7.54 16.01
N ASN C 227 -6.49 6.47 16.42
CA ASN C 227 -5.05 6.39 16.16
C ASN C 227 -4.73 6.38 14.67
N GLU C 228 -3.68 7.09 14.30
CA GLU C 228 -3.19 7.05 12.93
C GLU C 228 -2.01 6.11 12.85
C CO3 D . 9.46 -12.40 -21.14
O1 CO3 D . 9.72 -13.67 -20.93
O2 CO3 D . 10.30 -11.68 -21.81
O3 CO3 D . 8.37 -11.85 -20.70
C CO3 E . 23.62 2.17 -9.80
O1 CO3 E . 22.86 3.13 -9.37
O2 CO3 E . 24.31 1.47 -8.95
O3 CO3 E . 23.71 1.91 -11.07
#